data_5I1Q
#
_entry.id   5I1Q
#
_cell.length_a   47.759
_cell.length_b   60.042
_cell.length_c   60.242
_cell.angle_alpha   90.000
_cell.angle_beta   90.000
_cell.angle_gamma   90.000
#
_symmetry.space_group_name_H-M   'P 21 21 21'
#
loop_
_entity.id
_entity.type
_entity.pdbx_description
1 polymer 'Transcription initiation factor TFIID subunit 1'
2 non-polymer 3-[6-(but-3-en-1-yl)-7-oxo-6,7-dihydro-1H-pyrrolo[2,3-c]pyridin-4-yl]-N,N-dimethylbenzamide
3 water water
#
_entity_poly.entity_id   1
_entity_poly.type   'polypeptide(L)'
_entity_poly.pdbx_seq_one_letter_code
;GSPLLDDDDQVAFSFILDNIVTQKMMAVPDSWPFHHPVNKKFVPDYYKVIVNPMDLETIRKNISKHKYQSRESFLDDVNL
ILANSVKYNGPESQYTKTAQEIVNVCYQTLTEYDEHLTQLEKDICTAKEAALEEAELESLDPMT
;
_entity_poly.pdbx_strand_id   A
#
# COMPACT_ATOMS: atom_id res chain seq x y z
N ASP A 7 -10.78 1.49 20.28
CA ASP A 7 -10.04 2.78 20.13
C ASP A 7 -8.74 2.71 19.30
N ASP A 8 -8.08 1.54 19.26
CA ASP A 8 -6.78 1.52 18.58
C ASP A 8 -6.85 0.88 17.19
N ASP A 9 -8.05 0.83 16.64
CA ASP A 9 -8.28 0.00 15.42
C ASP A 9 -7.46 0.51 14.21
N GLN A 10 -7.41 1.81 13.95
CA GLN A 10 -6.56 2.28 12.86
C GLN A 10 -5.08 2.03 13.09
N VAL A 11 -4.58 2.21 14.31
CA VAL A 11 -3.18 1.96 14.63
C VAL A 11 -2.90 0.45 14.44
N ALA A 12 -3.80 -0.40 14.87
CA ALA A 12 -3.58 -1.87 14.71
C ALA A 12 -3.58 -2.25 13.19
N PHE A 13 -4.50 -1.63 12.45
CA PHE A 13 -4.61 -1.93 10.99
C PHE A 13 -3.35 -1.48 10.32
N SER A 14 -2.92 -0.25 10.58
CA SER A 14 -1.66 0.28 9.95
C SER A 14 -0.41 -0.51 10.40
N PHE A 15 -0.37 -1.01 11.67
CA PHE A 15 0.75 -1.84 12.14
C PHE A 15 0.88 -3.10 11.25
N ILE A 16 -0.25 -3.74 10.97
CA ILE A 16 -0.20 -4.96 10.12
C ILE A 16 0.34 -4.60 8.74
N LEU A 17 -0.21 -3.53 8.15
CA LEU A 17 0.24 -3.27 6.77
C LEU A 17 1.70 -2.83 6.75
N ASP A 18 2.15 -2.04 7.72
CA ASP A 18 3.53 -1.65 7.69
C ASP A 18 4.48 -2.84 7.84
N ASN A 19 4.12 -3.80 8.71
CA ASN A 19 4.99 -4.92 8.86
C ASN A 19 4.98 -5.78 7.59
N ILE A 20 3.87 -5.85 6.88
CA ILE A 20 3.89 -6.57 5.58
C ILE A 20 4.91 -5.91 4.65
N VAL A 21 4.86 -4.56 4.58
CA VAL A 21 5.79 -3.87 3.72
C VAL A 21 7.24 -4.10 4.13
N THR A 22 7.57 -3.93 5.43
CA THR A 22 9.01 -4.01 5.80
C THR A 22 9.58 -5.43 5.95
N GLN A 23 8.79 -6.36 6.45
N GLN A 23 8.77 -6.32 6.52
CA GLN A 23 9.36 -7.67 6.75
CA GLN A 23 9.19 -7.70 6.85
C GLN A 23 9.14 -8.63 5.59
C GLN A 23 9.19 -8.54 5.58
N LYS A 24 8.18 -8.34 4.70
CA LYS A 24 7.89 -9.24 3.59
C LYS A 24 8.20 -8.67 2.24
N MET A 25 7.55 -7.54 1.91
CA MET A 25 7.72 -7.03 0.60
C MET A 25 9.14 -6.45 0.31
N MET A 26 9.71 -5.74 1.27
CA MET A 26 11.05 -5.22 1.14
C MET A 26 12.15 -6.27 1.14
N ALA A 27 11.80 -7.42 1.73
CA ALA A 27 12.72 -8.59 1.89
C ALA A 27 12.73 -9.46 0.65
N VAL A 28 11.88 -9.21 -0.35
CA VAL A 28 11.96 -9.92 -1.65
C VAL A 28 13.35 -9.73 -2.18
N PRO A 29 14.06 -10.77 -2.61
CA PRO A 29 15.37 -10.55 -3.13
C PRO A 29 15.45 -9.60 -4.31
N ASP A 30 16.44 -8.67 -4.22
CA ASP A 30 16.68 -7.72 -5.36
C ASP A 30 15.51 -6.83 -5.61
N SER A 31 14.76 -6.56 -4.52
CA SER A 31 13.57 -5.65 -4.62
C SER A 31 14.01 -4.17 -4.50
N TRP A 32 15.30 -3.88 -4.27
CA TRP A 32 15.77 -2.42 -4.13
C TRP A 32 15.19 -1.46 -5.19
N PRO A 33 14.91 -1.89 -6.45
CA PRO A 33 14.44 -0.80 -7.37
C PRO A 33 13.14 -0.19 -6.89
N PHE A 34 12.37 -0.90 -6.05
CA PHE A 34 11.00 -0.45 -5.67
C PHE A 34 11.00 0.14 -4.26
N HIS A 35 12.13 0.22 -3.56
CA HIS A 35 12.16 0.67 -2.15
C HIS A 35 11.85 2.14 -1.96
N HIS A 36 12.25 2.94 -2.96
CA HIS A 36 12.23 4.41 -2.79
C HIS A 36 11.74 5.00 -4.10
N PRO A 37 11.26 6.28 -4.09
CA PRO A 37 10.95 6.91 -5.36
C PRO A 37 12.18 6.97 -6.29
N VAL A 38 11.85 6.90 -7.59
CA VAL A 38 12.91 6.99 -8.61
C VAL A 38 13.49 8.39 -8.65
N ASN A 39 14.78 8.52 -8.75
CA ASN A 39 15.46 9.86 -8.89
C ASN A 39 15.77 9.96 -10.35
N LYS A 40 15.29 11.06 -10.96
CA LYS A 40 15.55 11.29 -12.37
C LYS A 40 17.00 11.50 -12.69
N LYS A 41 17.88 11.79 -11.72
CA LYS A 41 19.33 11.75 -11.97
C LYS A 41 19.85 10.33 -12.24
N PHE A 42 19.10 9.30 -11.82
CA PHE A 42 19.52 7.84 -11.98
C PHE A 42 18.75 7.20 -13.12
N VAL A 43 17.51 7.65 -13.39
CA VAL A 43 16.64 7.08 -14.46
C VAL A 43 15.99 8.24 -15.24
N PRO A 44 16.75 8.79 -16.20
CA PRO A 44 16.32 10.08 -16.72
C PRO A 44 14.97 10.12 -17.40
N ASP A 45 14.49 9.01 -18.02
CA ASP A 45 13.21 9.07 -18.70
C ASP A 45 12.03 8.58 -17.90
N TYR A 46 12.31 8.22 -16.62
CA TYR A 46 11.23 7.64 -15.88
C TYR A 46 9.89 8.31 -15.87
N TYR A 47 9.98 9.60 -15.52
CA TYR A 47 8.73 10.38 -15.31
C TYR A 47 8.10 10.94 -16.63
N LYS A 48 8.87 10.71 -17.72
CA LYS A 48 8.28 10.90 -19.05
C LYS A 48 7.28 9.83 -19.42
N VAL A 49 7.44 8.62 -18.81
CA VAL A 49 6.60 7.52 -19.18
C VAL A 49 5.60 7.17 -18.04
N ILE A 50 6.02 7.33 -16.77
CA ILE A 50 5.16 6.92 -15.63
C ILE A 50 4.50 8.19 -15.04
N VAL A 51 3.20 8.29 -15.28
CA VAL A 51 2.50 9.49 -14.85
C VAL A 51 1.98 9.41 -13.46
N ASN A 52 1.93 8.19 -12.88
CA ASN A 52 1.36 7.92 -11.61
C ASN A 52 2.34 7.11 -10.79
N PRO A 53 3.47 7.67 -10.39
CA PRO A 53 4.58 6.92 -9.76
C PRO A 53 4.15 6.36 -8.38
N MET A 54 4.82 5.25 -8.00
CA MET A 54 4.61 4.64 -6.66
C MET A 54 5.81 3.85 -6.25
N ASP A 55 6.02 3.78 -4.94
CA ASP A 55 7.13 2.99 -4.44
C ASP A 55 6.84 2.55 -2.97
N LEU A 56 7.61 1.65 -2.39
CA LEU A 56 7.33 1.17 -1.08
C LEU A 56 7.50 2.21 0.03
N GLU A 57 8.48 3.10 -0.10
CA GLU A 57 8.63 4.18 0.92
C GLU A 57 7.39 5.09 0.94
N THR A 58 6.90 5.46 -0.24
CA THR A 58 5.66 6.27 -0.34
C THR A 58 4.50 5.51 0.30
N ILE A 59 4.40 4.17 0.06
CA ILE A 59 3.30 3.43 0.74
C ILE A 59 3.52 3.45 2.24
N ARG A 60 4.77 3.22 2.74
CA ARG A 60 4.96 3.39 4.21
C ARG A 60 4.58 4.78 4.75
N LYS A 61 4.82 5.83 3.97
CA LYS A 61 4.42 7.12 4.54
C LYS A 61 2.95 7.21 4.56
N ASN A 62 2.27 6.69 3.52
CA ASN A 62 0.81 6.67 3.52
C ASN A 62 0.27 5.88 4.74
N ILE A 63 0.85 4.73 5.02
CA ILE A 63 0.41 3.93 6.22
C ILE A 63 0.61 4.73 7.50
N SER A 64 1.71 5.51 7.55
CA SER A 64 2.02 6.21 8.82
C SER A 64 0.99 7.31 9.04
N LYS A 65 0.42 7.84 7.98
CA LYS A 65 -0.66 8.86 8.11
C LYS A 65 -2.03 8.25 8.09
N HIS A 66 -2.12 6.91 8.22
CA HIS A 66 -3.38 6.22 8.23
C HIS A 66 -4.22 6.50 7.00
N LYS A 67 -3.58 6.53 5.79
N LYS A 67 -3.55 6.48 5.84
CA LYS A 67 -4.31 6.74 4.50
CA LYS A 67 -4.25 6.78 4.63
C LYS A 67 -5.30 5.60 4.30
C LYS A 67 -5.14 5.62 4.11
N TYR A 68 -4.82 4.38 4.52
CA TYR A 68 -5.64 3.29 4.12
C TYR A 68 -6.53 2.77 5.23
N GLN A 69 -7.81 2.69 4.91
CA GLN A 69 -8.78 2.13 5.87
C GLN A 69 -9.25 0.79 5.40
N SER A 70 -8.74 0.31 4.23
CA SER A 70 -9.17 -1.03 3.71
C SER A 70 -7.99 -1.64 3.04
N ARG A 71 -8.06 -2.98 2.92
CA ARG A 71 -7.04 -3.65 2.14
C ARG A 71 -7.14 -3.30 0.66
N GLU A 72 -8.34 -3.08 0.17
CA GLU A 72 -8.47 -2.69 -1.25
C GLU A 72 -7.68 -1.40 -1.57
N SER A 73 -7.77 -0.39 -0.68
N SER A 73 -7.76 -0.39 -0.67
CA SER A 73 -7.08 0.86 -1.00
CA SER A 73 -7.08 0.86 -0.97
C SER A 73 -5.56 0.72 -0.92
C SER A 73 -5.55 0.73 -0.90
N PHE A 74 -5.07 -0.11 0.05
CA PHE A 74 -3.63 -0.39 0.12
C PHE A 74 -3.19 -1.11 -1.17
N LEU A 75 -4.03 -2.15 -1.51
CA LEU A 75 -3.70 -3.00 -2.67
C LEU A 75 -3.79 -2.19 -3.97
N ASP A 76 -4.54 -1.08 -4.04
CA ASP A 76 -4.48 -0.24 -5.26
C ASP A 76 -3.10 0.34 -5.47
N ASP A 77 -2.45 0.81 -4.41
CA ASP A 77 -1.10 1.33 -4.53
C ASP A 77 -0.05 0.24 -4.87
N VAL A 78 -0.25 -0.94 -4.19
CA VAL A 78 0.68 -2.07 -4.44
C VAL A 78 0.58 -2.47 -5.94
N ASN A 79 -0.64 -2.58 -6.45
CA ASN A 79 -0.86 -2.90 -7.85
C ASN A 79 -0.25 -1.84 -8.81
N LEU A 80 -0.30 -0.56 -8.35
CA LEU A 80 0.23 0.52 -9.21
C LEU A 80 1.72 0.24 -9.42
N ILE A 81 2.46 -0.29 -8.42
CA ILE A 81 3.89 -0.60 -8.61
C ILE A 81 4.02 -1.64 -9.77
N LEU A 82 3.22 -2.73 -9.69
CA LEU A 82 3.32 -3.72 -10.76
C LEU A 82 2.96 -3.16 -12.13
N ALA A 83 1.84 -2.39 -12.21
CA ALA A 83 1.38 -1.86 -13.49
C ALA A 83 2.44 -0.89 -14.02
N ASN A 84 3.05 -0.10 -13.17
CA ASN A 84 4.06 0.81 -13.64
C ASN A 84 5.29 0.11 -14.20
N SER A 85 5.66 -1.03 -13.55
CA SER A 85 6.81 -1.83 -14.09
C SER A 85 6.45 -2.46 -15.44
N VAL A 86 5.23 -2.98 -15.56
CA VAL A 86 4.82 -3.54 -16.88
C VAL A 86 4.96 -2.45 -17.94
N LYS A 87 4.52 -1.21 -17.66
CA LYS A 87 4.61 -0.13 -18.63
C LYS A 87 6.03 0.27 -18.92
N TYR A 88 6.83 0.47 -17.87
CA TYR A 88 8.14 1.08 -18.09
C TYR A 88 9.16 0.06 -18.64
N ASN A 89 9.12 -1.14 -18.04
CA ASN A 89 10.12 -2.18 -18.36
C ASN A 89 9.61 -3.29 -19.29
N GLY A 90 8.27 -3.42 -19.41
CA GLY A 90 7.70 -4.61 -20.20
C GLY A 90 7.28 -5.71 -19.30
N PRO A 91 6.35 -6.55 -19.77
CA PRO A 91 5.77 -7.56 -18.88
C PRO A 91 6.73 -8.72 -18.55
N GLU A 92 7.79 -8.89 -19.41
CA GLU A 92 8.72 -10.01 -19.19
C GLU A 92 10.06 -9.55 -18.60
N SER A 93 10.19 -8.21 -18.32
CA SER A 93 11.43 -7.78 -17.69
C SER A 93 11.66 -8.35 -16.30
N GLN A 94 12.92 -8.61 -15.95
CA GLN A 94 13.26 -9.00 -14.58
C GLN A 94 12.73 -8.00 -13.53
N TYR A 95 12.71 -6.72 -13.83
CA TYR A 95 12.12 -5.74 -12.89
C TYR A 95 10.66 -6.12 -12.68
N THR A 96 9.90 -6.47 -13.72
CA THR A 96 8.43 -6.84 -13.56
C THR A 96 8.34 -8.15 -12.81
N LYS A 97 9.23 -9.11 -13.12
CA LYS A 97 9.15 -10.37 -12.33
C LYS A 97 9.40 -10.09 -10.84
N THR A 98 10.30 -9.16 -10.48
CA THR A 98 10.53 -8.87 -9.06
C THR A 98 9.26 -8.13 -8.49
N ALA A 99 8.73 -7.15 -9.26
CA ALA A 99 7.46 -6.53 -8.80
C ALA A 99 6.34 -7.50 -8.60
N GLN A 100 6.24 -8.54 -9.46
CA GLN A 100 5.18 -9.50 -9.30
C GLN A 100 5.44 -10.34 -8.03
N GLU A 101 6.69 -10.59 -7.70
N GLU A 101 6.71 -10.57 -7.71
CA GLU A 101 6.93 -11.33 -6.42
CA GLU A 101 7.08 -11.28 -6.42
C GLU A 101 6.50 -10.46 -5.22
C GLU A 101 6.68 -10.46 -5.18
N ILE A 102 6.86 -9.13 -5.28
CA ILE A 102 6.41 -8.17 -4.20
C ILE A 102 4.91 -8.28 -4.03
N VAL A 103 4.13 -8.23 -5.14
CA VAL A 103 2.71 -8.32 -5.03
C VAL A 103 2.22 -9.65 -4.44
N ASN A 104 2.84 -10.76 -4.90
CA ASN A 104 2.34 -12.07 -4.46
C ASN A 104 2.66 -12.22 -2.98
N VAL A 105 3.84 -11.76 -2.52
CA VAL A 105 4.15 -11.92 -1.05
C VAL A 105 3.21 -11.03 -0.26
N CYS A 106 2.83 -9.85 -0.80
CA CYS A 106 1.86 -9.05 -0.09
C CYS A 106 0.53 -9.78 0.02
N TYR A 107 -0.03 -10.29 -1.09
CA TYR A 107 -1.31 -11.04 -0.94
C TYR A 107 -1.19 -12.25 0.03
N GLN A 108 -0.08 -12.97 -0.07
CA GLN A 108 0.00 -14.21 0.76
C GLN A 108 0.09 -13.79 2.21
N THR A 109 0.81 -12.70 2.49
CA THR A 109 0.95 -12.26 3.93
C THR A 109 -0.35 -11.71 4.43
N LEU A 110 -1.08 -10.93 3.62
CA LEU A 110 -2.36 -10.42 4.04
C LEU A 110 -3.31 -11.56 4.40
N THR A 111 -3.28 -12.65 3.63
CA THR A 111 -4.19 -13.78 3.97
C THR A 111 -3.98 -14.39 5.40
N GLU A 112 -2.75 -14.18 5.89
CA GLU A 112 -2.46 -14.60 7.29
C GLU A 112 -3.23 -13.86 8.33
N TYR A 113 -3.72 -12.67 7.94
CA TYR A 113 -4.48 -11.79 8.83
C TYR A 113 -5.88 -11.59 8.35
N ASP A 114 -6.45 -12.46 7.49
CA ASP A 114 -7.78 -12.26 6.89
C ASP A 114 -8.89 -11.93 7.87
N GLU A 115 -9.10 -12.78 8.86
CA GLU A 115 -10.19 -12.59 9.81
C GLU A 115 -9.99 -11.31 10.61
N HIS A 116 -8.79 -11.07 11.08
CA HIS A 116 -8.54 -9.86 11.87
C HIS A 116 -8.69 -8.59 11.00
N LEU A 117 -8.18 -8.58 9.75
CA LEU A 117 -8.30 -7.39 8.96
C LEU A 117 -9.76 -7.19 8.53
N THR A 118 -10.53 -8.21 8.25
CA THR A 118 -11.94 -8.08 7.95
C THR A 118 -12.68 -7.42 9.10
N GLN A 119 -12.41 -7.87 10.32
CA GLN A 119 -13.06 -7.21 11.48
C GLN A 119 -12.62 -5.74 11.67
N LEU A 120 -11.30 -5.47 11.58
CA LEU A 120 -10.82 -4.09 11.67
C LEU A 120 -11.44 -3.20 10.65
N GLU A 121 -11.55 -3.62 9.38
CA GLU A 121 -12.13 -2.70 8.39
C GLU A 121 -13.58 -2.38 8.78
N LYS A 122 -14.36 -3.38 9.30
CA LYS A 122 -15.75 -3.12 9.67
C LYS A 122 -15.75 -2.17 10.84
N ASP A 123 -14.91 -2.33 11.85
CA ASP A 123 -14.99 -1.53 13.07
C ASP A 123 -14.54 -0.10 12.75
N ILE A 124 -13.54 0.07 11.89
CA ILE A 124 -13.07 1.42 11.48
C ILE A 124 -14.23 2.08 10.75
N CYS A 125 -14.94 1.44 9.86
CA CYS A 125 -16.06 2.05 9.16
C CYS A 125 -17.16 2.42 10.13
N THR A 126 -17.54 1.53 11.04
CA THR A 126 -18.60 1.83 12.02
C THR A 126 -18.22 3.08 12.81
N ALA A 127 -17.00 3.20 13.23
CA ALA A 127 -16.56 4.35 14.04
C ALA A 127 -16.59 5.63 13.17
N LYS A 128 -16.17 5.51 11.93
CA LYS A 128 -16.14 6.75 11.09
C LYS A 128 -17.57 7.18 10.90
N GLU A 129 -18.48 6.27 10.56
CA GLU A 129 -19.91 6.64 10.35
C GLU A 129 -20.48 7.29 11.61
N ALA A 130 -20.19 6.74 12.79
CA ALA A 130 -20.70 7.32 14.06
C ALA A 130 -20.13 8.73 14.33
N ALA A 131 -18.88 8.95 13.96
CA ALA A 131 -18.27 10.21 14.28
C ALA A 131 -18.81 11.24 13.25
N LEU A 132 -19.08 10.81 12.01
CA LEU A 132 -19.69 11.70 11.02
C LEU A 132 -21.07 12.20 11.47
N GLU A 133 -21.90 11.27 11.92
CA GLU A 133 -23.23 11.66 12.36
C GLU A 133 -23.15 12.58 13.59
N GLU A 134 -22.27 12.27 14.53
CA GLU A 134 -22.07 13.19 15.67
C GLU A 134 -21.71 14.61 15.22
N ALA A 135 -20.76 14.70 14.27
CA ALA A 135 -20.31 16.04 13.82
C ALA A 135 -21.44 16.79 13.14
N GLU A 136 -22.27 16.06 12.38
CA GLU A 136 -23.39 16.69 11.68
C GLU A 136 -24.40 17.23 12.70
N LEU A 137 -24.74 16.41 13.70
CA LEU A 137 -25.67 16.85 14.75
C LEU A 137 -25.12 18.01 15.58
N GLU A 138 -23.80 17.98 15.89
CA GLU A 138 -23.23 19.09 16.70
C GLU A 138 -23.28 20.39 15.90
N SER A 139 -23.12 20.29 14.59
CA SER A 139 -23.21 21.56 13.81
C SER A 139 -24.61 22.10 13.74
N LEU A 140 -25.62 21.26 13.59
CA LEU A 140 -26.96 21.79 13.38
C LEU A 140 -27.47 22.41 14.66
N ASP A 141 -26.89 21.98 15.80
CA ASP A 141 -27.31 22.49 17.12
C ASP A 141 -26.49 23.67 17.67
#